data_7ZRO
#
_entry.id   7ZRO
#
_entity_poly.entity_id   1
_entity_poly.type   'polypeptide(L)'
_entity_poly.pdbx_seq_one_letter_code
;TYHVDANDHDQSRKSQQYDLNALHKTTKSQRHLGGSQQLL
;
_entity_poly.pdbx_strand_id   A
#
# COMPACT_ATOMS: atom_id res chain seq x y z
N THR A 1 -3.64 5.08 15.24
CA THR A 1 -2.71 4.74 14.15
C THR A 1 -3.46 4.06 12.99
N TYR A 2 -4.79 4.18 12.99
CA TYR A 2 -5.61 3.56 11.92
C TYR A 2 -5.84 4.56 10.78
N HIS A 3 -5.98 4.03 9.57
CA HIS A 3 -6.18 4.90 8.40
C HIS A 3 -7.63 4.77 7.93
N VAL A 4 -8.26 5.88 7.58
CA VAL A 4 -9.63 5.84 7.09
C VAL A 4 -9.72 6.53 5.71
N ASP A 5 -9.77 5.71 4.66
CA ASP A 5 -9.85 6.23 3.29
C ASP A 5 -10.69 5.29 2.39
N ALA A 6 -11.98 5.20 2.68
CA ALA A 6 -12.87 4.32 1.92
C ALA A 6 -13.72 5.11 0.92
N ASN A 7 -14.12 6.34 1.29
CA ASN A 7 -15.02 7.13 0.42
C ASN A 7 -14.24 8.10 -0.47
N ASP A 8 -12.93 8.08 -0.36
CA ASP A 8 -12.09 8.97 -1.14
C ASP A 8 -12.04 8.51 -2.61
N HIS A 9 -12.78 9.21 -3.48
CA HIS A 9 -12.85 8.84 -4.88
C HIS A 9 -12.64 10.05 -5.80
N ASP A 10 -12.85 11.25 -5.27
CA ASP A 10 -12.72 12.48 -6.08
C ASP A 10 -11.73 13.44 -5.44
N GLN A 11 -11.53 13.28 -4.15
CA GLN A 11 -10.57 14.10 -3.41
C GLN A 11 -9.24 13.38 -3.33
N SER A 12 -9.17 12.26 -4.08
CA SER A 12 -8.00 11.34 -4.13
C SER A 12 -7.08 11.43 -2.92
N ARG A 13 -7.37 10.63 -1.91
CA ARG A 13 -6.57 10.63 -0.70
C ARG A 13 -6.20 9.21 -0.34
N LYS A 14 -4.95 9.02 -0.01
CA LYS A 14 -4.40 7.69 0.23
C LYS A 14 -4.30 7.41 1.71
N SER A 15 -4.25 6.12 2.07
CA SER A 15 -4.11 5.69 3.44
C SER A 15 -3.02 6.52 4.15
N GLN A 16 -3.43 7.22 5.24
CA GLN A 16 -2.59 8.24 5.94
C GLN A 16 -1.36 8.65 5.13
N GLN A 17 -1.63 9.38 4.01
CA GLN A 17 -0.61 9.85 3.01
C GLN A 17 0.83 9.41 3.30
N TYR A 18 1.09 8.12 3.10
CA TYR A 18 2.43 7.56 3.25
C TYR A 18 2.66 6.48 2.21
N ASP A 19 3.42 6.80 1.19
CA ASP A 19 3.70 5.85 0.14
C ASP A 19 5.07 6.13 -0.46
N LEU A 20 5.54 5.22 -1.31
CA LEU A 20 6.86 5.35 -1.99
C LEU A 20 8.00 5.17 -1.00
N ASN A 21 8.15 6.13 -0.10
CA ASN A 21 9.18 6.07 0.89
C ASN A 21 8.78 5.19 2.05
N ALA A 22 7.52 5.27 2.41
CA ALA A 22 7.00 4.50 3.50
C ALA A 22 6.34 3.24 2.99
N LEU A 23 5.61 3.40 1.88
CA LEU A 23 4.94 2.30 1.24
C LEU A 23 3.92 1.71 2.16
N HIS A 24 3.08 2.58 2.68
CA HIS A 24 2.08 2.22 3.64
C HIS A 24 0.87 1.75 2.89
N LYS A 25 1.07 0.69 2.15
CA LYS A 25 0.08 0.18 1.29
C LYS A 25 0.15 -1.30 1.39
N THR A 26 0.86 -1.73 2.40
CA THR A 26 1.18 -3.08 2.59
C THR A 26 0.68 -3.54 3.96
N THR A 27 0.50 -2.55 4.86
CA THR A 27 0.04 -2.75 6.23
C THR A 27 0.75 -3.93 6.93
N LYS A 28 2.08 -4.02 6.70
CA LYS A 28 2.93 -5.09 7.28
C LYS A 28 2.63 -6.46 6.65
N SER A 29 1.45 -6.55 6.05
CA SER A 29 0.95 -7.73 5.35
C SER A 29 0.32 -8.71 6.32
N GLN A 30 0.00 -8.21 7.50
CA GLN A 30 -0.63 -9.00 8.53
C GLN A 30 -1.98 -9.53 8.07
N ARG A 31 -2.03 -10.81 7.76
CA ARG A 31 -3.26 -11.46 7.40
C ARG A 31 -4.20 -11.49 8.60
N HIS A 32 -5.05 -10.47 8.70
CA HIS A 32 -5.97 -10.28 9.83
C HIS A 32 -5.19 -10.02 11.10
N LEU A 33 -5.89 -10.09 12.19
CA LEU A 33 -5.30 -9.84 13.49
C LEU A 33 -4.58 -11.09 13.98
N GLY A 34 -3.28 -11.12 13.80
CA GLY A 34 -2.50 -12.26 14.21
C GLY A 34 -1.65 -12.80 13.10
N GLY A 35 -1.94 -12.35 11.91
CA GLY A 35 -1.19 -12.77 10.73
C GLY A 35 0.21 -12.17 10.68
N SER A 36 1.00 -12.61 9.72
CA SER A 36 2.33 -12.15 9.57
C SER A 36 2.68 -12.09 8.09
N GLN A 37 3.95 -12.10 7.78
CA GLN A 37 4.40 -12.00 6.42
C GLN A 37 4.54 -13.36 5.77
N GLN A 38 4.00 -14.38 6.43
CA GLN A 38 3.95 -15.71 5.86
C GLN A 38 3.24 -15.66 4.54
N LEU A 39 1.98 -15.40 4.63
CA LEU A 39 1.13 -15.12 3.49
C LEU A 39 0.94 -16.31 2.61
N LEU A 40 0.43 -17.33 3.19
CA LEU A 40 0.12 -18.54 2.48
C LEU A 40 -1.08 -18.32 1.55
N THR A 1 5.31 20.62 5.14
CA THR A 1 5.70 20.71 6.55
C THR A 1 4.56 20.27 7.49
N TYR A 2 3.40 19.97 6.91
CA TYR A 2 2.25 19.54 7.74
C TYR A 2 2.28 18.01 7.82
N HIS A 3 2.06 17.46 9.01
CA HIS A 3 2.13 16.01 9.18
C HIS A 3 0.75 15.41 9.47
N VAL A 4 0.58 14.14 9.12
CA VAL A 4 -0.69 13.45 9.37
C VAL A 4 -0.68 12.87 10.79
N ASP A 5 -1.54 13.39 11.64
CA ASP A 5 -1.53 13.01 13.04
C ASP A 5 -2.90 12.45 13.45
N ALA A 6 -3.28 11.34 12.85
CA ALA A 6 -4.57 10.69 13.18
C ALA A 6 -4.39 9.44 14.04
N ASN A 7 -3.23 8.80 13.92
CA ASN A 7 -3.00 7.54 14.65
C ASN A 7 -2.13 7.74 15.88
N ASP A 8 -0.97 8.33 15.70
CA ASP A 8 -0.05 8.55 16.80
C ASP A 8 0.45 9.98 16.76
N HIS A 9 1.19 10.39 17.78
CA HIS A 9 1.67 11.76 17.85
C HIS A 9 3.15 11.84 18.29
N ASP A 10 3.66 10.80 18.94
CA ASP A 10 5.02 10.88 19.48
C ASP A 10 5.93 9.71 19.10
N GLN A 11 5.40 8.49 19.16
CA GLN A 11 6.23 7.31 18.94
C GLN A 11 6.21 6.83 17.50
N SER A 12 5.43 7.51 16.67
CA SER A 12 5.36 7.14 15.28
C SER A 12 5.47 8.39 14.42
N ARG A 13 6.68 8.72 14.00
CA ARG A 13 6.90 9.91 13.18
C ARG A 13 7.52 9.53 11.85
N LYS A 14 6.68 9.29 10.88
CA LYS A 14 7.14 8.88 9.56
C LYS A 14 6.52 9.77 8.51
N SER A 15 7.29 10.06 7.45
CA SER A 15 6.83 10.97 6.35
C SER A 15 5.38 10.70 5.98
N GLN A 16 4.46 11.63 6.43
CA GLN A 16 2.99 11.54 6.26
C GLN A 16 2.54 10.20 5.72
N GLN A 17 2.68 9.15 6.58
CA GLN A 17 2.40 7.71 6.26
C GLN A 17 2.03 7.48 4.78
N TYR A 18 3.01 7.67 3.90
CA TYR A 18 2.82 7.49 2.47
C TYR A 18 3.10 6.05 2.05
N ASP A 19 3.06 5.81 0.77
CA ASP A 19 3.41 4.52 0.22
C ASP A 19 4.63 4.67 -0.63
N LEU A 20 5.36 3.57 -0.83
CA LEU A 20 6.61 3.56 -1.60
C LEU A 20 7.71 4.30 -0.82
N ASN A 21 7.46 5.57 -0.55
CA ASN A 21 8.36 6.39 0.21
C ASN A 21 8.39 5.92 1.66
N ALA A 22 7.21 5.59 2.17
CA ALA A 22 7.06 5.16 3.53
C ALA A 22 6.61 3.70 3.58
N LEU A 23 5.84 3.31 2.58
CA LEU A 23 5.37 1.94 2.44
C LEU A 23 4.34 1.59 3.49
N HIS A 24 3.33 2.41 3.57
CA HIS A 24 2.27 2.23 4.52
C HIS A 24 0.99 1.86 3.77
N LYS A 25 1.13 1.47 2.52
CA LYS A 25 -0.01 1.19 1.72
C LYS A 25 0.39 0.13 0.73
N THR A 26 1.32 -0.67 1.14
CA THR A 26 1.94 -1.60 0.27
C THR A 26 1.72 -3.02 0.76
N THR A 27 1.54 -3.14 2.10
CA THR A 27 1.25 -4.39 2.80
C THR A 27 2.15 -5.56 2.33
N LYS A 28 3.36 -5.24 1.83
CA LYS A 28 4.32 -6.23 1.31
C LYS A 28 3.83 -6.89 0.02
N SER A 29 2.53 -6.83 -0.19
CA SER A 29 1.84 -7.38 -1.36
C SER A 29 1.69 -8.89 -1.21
N GLN A 30 1.40 -9.30 0.02
CA GLN A 30 1.19 -10.68 0.34
C GLN A 30 -0.12 -11.20 -0.27
N ARG A 31 -0.03 -11.73 -1.48
CA ARG A 31 -1.17 -12.21 -2.19
C ARG A 31 -1.78 -13.46 -1.55
N HIS A 32 -3.06 -13.38 -1.23
CA HIS A 32 -3.79 -14.49 -0.66
C HIS A 32 -4.30 -15.40 -1.76
N LEU A 33 -5.29 -16.18 -1.43
CA LEU A 33 -5.91 -17.10 -2.37
C LEU A 33 -6.70 -16.32 -3.42
N GLY A 34 -6.54 -16.71 -4.68
CA GLY A 34 -7.22 -16.02 -5.77
C GLY A 34 -8.72 -16.01 -5.62
N GLY A 35 -9.31 -17.19 -5.55
CA GLY A 35 -10.74 -17.30 -5.38
C GLY A 35 -11.16 -17.12 -3.93
N SER A 36 -10.96 -15.93 -3.41
CA SER A 36 -11.27 -15.63 -2.06
C SER A 36 -11.93 -14.26 -2.00
N GLN A 37 -11.77 -13.57 -0.89
CA GLN A 37 -12.39 -12.30 -0.69
C GLN A 37 -11.55 -11.17 -1.24
N GLN A 38 -10.48 -11.53 -1.95
CA GLN A 38 -9.65 -10.55 -2.62
C GLN A 38 -10.49 -9.61 -3.40
N LEU A 39 -11.15 -10.18 -4.34
CA LEU A 39 -12.08 -9.50 -5.23
C LEU A 39 -11.35 -8.51 -6.08
N LEU A 40 -10.17 -8.91 -6.43
CA LEU A 40 -9.29 -8.15 -7.23
C LEU A 40 -9.58 -8.43 -8.69
N THR A 1 8.07 5.74 -14.80
CA THR A 1 6.68 5.97 -14.41
C THR A 1 5.78 4.82 -14.90
N TYR A 2 5.52 3.84 -14.03
CA TYR A 2 4.71 2.70 -14.42
C TYR A 2 3.47 2.58 -13.52
N HIS A 3 2.31 2.42 -14.13
CA HIS A 3 1.07 2.27 -13.37
C HIS A 3 0.30 1.03 -13.81
N VAL A 4 0.34 -0.03 -13.01
CA VAL A 4 -0.38 -1.26 -13.35
C VAL A 4 -1.45 -1.55 -12.27
N ASP A 5 -2.70 -1.53 -12.69
CA ASP A 5 -3.83 -1.80 -11.81
C ASP A 5 -4.88 -2.60 -12.56
N ALA A 6 -4.94 -3.90 -12.31
CA ALA A 6 -5.89 -4.76 -13.03
C ALA A 6 -7.14 -5.04 -12.22
N ASN A 7 -7.01 -5.21 -10.90
CA ASN A 7 -8.17 -5.55 -10.06
C ASN A 7 -8.86 -4.30 -9.57
N ASP A 8 -8.10 -3.45 -8.92
CA ASP A 8 -8.63 -2.22 -8.37
C ASP A 8 -8.33 -1.04 -9.29
N HIS A 9 -8.99 -1.03 -10.44
CA HIS A 9 -8.77 0.03 -11.41
C HIS A 9 -9.93 1.02 -11.43
N ASP A 10 -10.97 0.74 -10.65
CA ASP A 10 -12.15 1.61 -10.63
C ASP A 10 -12.49 2.04 -9.21
N GLN A 11 -12.12 1.22 -8.24
CA GLN A 11 -12.40 1.50 -6.84
C GLN A 11 -11.17 2.06 -6.14
N SER A 12 -10.08 2.21 -6.86
CA SER A 12 -8.85 2.71 -6.30
C SER A 12 -8.02 3.42 -7.34
N ARG A 13 -7.39 4.52 -6.94
CA ARG A 13 -6.52 5.28 -7.82
C ARG A 13 -5.23 5.59 -7.08
N LYS A 14 -4.31 4.64 -7.07
CA LYS A 14 -3.05 4.81 -6.37
C LYS A 14 -2.00 3.86 -6.95
N SER A 15 -0.88 4.43 -7.43
CA SER A 15 0.22 3.64 -8.00
C SER A 15 0.52 2.44 -7.11
N GLN A 16 0.30 1.20 -7.70
CA GLN A 16 0.42 -0.10 -6.99
C GLN A 16 0.53 0.07 -5.48
N GLN A 17 -0.63 0.45 -4.85
CA GLN A 17 -0.72 0.81 -3.39
C GLN A 17 0.64 0.86 -2.68
N TYR A 18 1.39 1.91 -2.97
CA TYR A 18 2.66 2.16 -2.33
C TYR A 18 2.85 3.64 -2.12
N ASP A 19 3.28 4.03 -0.94
CA ASP A 19 3.60 5.42 -0.68
C ASP A 19 4.90 5.73 -1.36
N LEU A 20 5.70 4.66 -1.57
CA LEU A 20 7.00 4.71 -2.25
C LEU A 20 8.09 5.27 -1.34
N ASN A 21 7.70 5.70 -0.15
CA ASN A 21 8.62 6.19 0.83
C ASN A 21 8.34 5.57 2.19
N ALA A 22 7.07 5.62 2.58
CA ALA A 22 6.66 5.03 3.82
C ALA A 22 6.36 3.57 3.59
N LEU A 23 5.78 3.33 2.43
CA LEU A 23 5.43 2.00 1.96
C LEU A 23 4.51 1.34 2.97
N HIS A 24 3.57 2.11 3.42
CA HIS A 24 2.66 1.72 4.44
C HIS A 24 1.27 1.61 3.85
N LYS A 25 1.19 0.99 2.70
CA LYS A 25 -0.03 0.87 1.98
C LYS A 25 -0.01 -0.44 1.28
N THR A 26 0.74 -1.33 1.84
CA THR A 26 1.07 -2.55 1.20
C THR A 26 0.37 -3.71 1.86
N THR A 27 -0.18 -3.42 3.05
CA THR A 27 -0.90 -4.38 3.87
C THR A 27 -0.22 -5.78 3.94
N LYS A 28 1.14 -5.77 4.05
CA LYS A 28 1.96 -7.01 4.14
C LYS A 28 1.97 -7.77 2.81
N SER A 29 1.10 -7.36 1.91
CA SER A 29 0.94 -7.96 0.58
C SER A 29 0.15 -9.24 0.69
N GLN A 30 -0.76 -9.25 1.65
CA GLN A 30 -1.60 -10.37 1.91
C GLN A 30 -2.55 -10.63 0.75
N ARG A 31 -2.23 -11.66 -0.03
CA ARG A 31 -3.05 -12.10 -1.09
C ARG A 31 -4.25 -12.86 -0.50
N HIS A 32 -5.01 -13.55 -1.32
CA HIS A 32 -6.12 -14.31 -0.82
C HIS A 32 -5.66 -15.41 0.12
N LEU A 33 -6.58 -16.20 0.55
CA LEU A 33 -6.30 -17.21 1.56
C LEU A 33 -5.71 -18.47 0.96
N GLY A 34 -4.44 -18.68 1.23
CA GLY A 34 -3.76 -19.86 0.79
C GLY A 34 -3.09 -20.55 1.95
N GLY A 35 -2.00 -21.25 1.69
CA GLY A 35 -1.28 -21.93 2.74
C GLY A 35 -0.37 -21.00 3.51
N SER A 36 -0.97 -20.19 4.38
CA SER A 36 -0.24 -19.25 5.16
C SER A 36 -1.00 -18.96 6.45
N GLN A 37 -0.46 -18.06 7.24
CA GLN A 37 -1.05 -17.72 8.51
C GLN A 37 -1.71 -16.37 8.46
N GLN A 38 -2.02 -15.89 7.26
CA GLN A 38 -2.72 -14.64 7.07
C GLN A 38 -3.94 -14.61 7.93
N LEU A 39 -4.80 -15.52 7.63
CA LEU A 39 -6.02 -15.78 8.39
C LEU A 39 -6.95 -14.61 8.35
N LEU A 40 -7.14 -14.13 7.16
CA LEU A 40 -8.03 -13.04 6.87
C LEU A 40 -9.47 -13.45 7.20
N THR A 1 13.55 6.71 -9.98
CA THR A 1 13.33 7.91 -10.82
C THR A 1 12.29 7.64 -11.92
N TYR A 2 11.66 6.46 -11.89
CA TYR A 2 10.66 6.11 -12.91
C TYR A 2 9.26 6.49 -12.44
N HIS A 3 8.57 7.29 -13.23
CA HIS A 3 7.22 7.73 -12.85
C HIS A 3 6.18 6.99 -13.67
N VAL A 4 4.98 6.86 -13.13
CA VAL A 4 3.89 6.21 -13.86
C VAL A 4 2.78 7.24 -14.08
N ASP A 5 2.73 7.79 -15.30
CA ASP A 5 1.78 8.85 -15.62
C ASP A 5 1.24 8.71 -17.03
N ALA A 6 0.52 7.65 -17.31
CA ALA A 6 -0.09 7.49 -18.62
C ALA A 6 -1.59 7.82 -18.55
N ASN A 7 -2.24 7.36 -17.49
CA ASN A 7 -3.68 7.58 -17.33
C ASN A 7 -4.00 8.66 -16.31
N ASP A 8 -3.46 8.50 -15.10
CA ASP A 8 -3.71 9.45 -14.01
C ASP A 8 -2.59 10.48 -13.92
N HIS A 9 -2.68 11.54 -14.71
CA HIS A 9 -1.67 12.60 -14.65
C HIS A 9 -2.28 13.98 -14.92
N ASP A 10 -3.46 14.02 -15.52
CA ASP A 10 -4.09 15.30 -15.86
C ASP A 10 -5.39 15.52 -15.12
N GLN A 11 -6.21 14.48 -15.02
CA GLN A 11 -7.49 14.61 -14.28
C GLN A 11 -7.29 14.21 -12.83
N SER A 12 -6.23 13.47 -12.58
CA SER A 12 -5.91 12.99 -11.27
C SER A 12 -4.41 12.85 -11.14
N ARG A 13 -3.89 12.97 -9.93
CA ARG A 13 -2.46 12.84 -9.69
C ARG A 13 -2.19 12.20 -8.34
N LYS A 14 -1.17 11.37 -8.29
CA LYS A 14 -0.76 10.70 -7.07
C LYS A 14 0.70 10.28 -7.19
N SER A 15 1.47 10.48 -6.11
CA SER A 15 2.88 10.12 -6.08
C SER A 15 3.06 8.69 -6.59
N GLN A 16 3.74 8.56 -7.77
CA GLN A 16 3.93 7.29 -8.50
C GLN A 16 3.02 6.18 -7.96
N GLN A 17 1.69 6.38 -8.20
CA GLN A 17 0.57 5.51 -7.70
C GLN A 17 1.05 4.34 -6.81
N TYR A 18 1.48 4.70 -5.62
CA TYR A 18 2.01 3.76 -4.64
C TYR A 18 2.43 4.56 -3.42
N ASP A 19 2.92 3.90 -2.39
CA ASP A 19 3.40 4.61 -1.22
C ASP A 19 4.81 5.13 -1.48
N LEU A 20 5.77 4.19 -1.46
CA LEU A 20 7.19 4.47 -1.79
C LEU A 20 7.92 5.21 -0.65
N ASN A 21 7.29 6.23 -0.09
CA ASN A 21 7.93 7.03 0.94
C ASN A 21 8.14 6.22 2.20
N ALA A 22 7.11 5.57 2.64
CA ALA A 22 7.12 4.79 3.85
C ALA A 22 6.86 3.33 3.55
N LEU A 23 6.14 3.12 2.47
CA LEU A 23 5.76 1.79 2.01
C LEU A 23 4.83 1.13 2.99
N HIS A 24 3.91 1.92 3.48
CA HIS A 24 2.97 1.49 4.46
C HIS A 24 1.57 1.67 3.90
N LYS A 25 1.36 1.19 2.71
CA LYS A 25 0.12 1.35 2.05
C LYS A 25 -0.13 0.11 1.26
N THR A 26 0.48 -0.94 1.72
CA THR A 26 0.53 -2.15 1.01
C THR A 26 -0.15 -3.27 1.78
N THR A 27 -0.32 -3.04 3.10
CA THR A 27 -0.90 -3.98 4.05
C THR A 27 -0.49 -5.44 3.75
N LYS A 28 0.85 -5.65 3.64
CA LYS A 28 1.43 -6.97 3.35
C LYS A 28 1.15 -7.46 1.93
N SER A 29 0.01 -7.02 1.39
CA SER A 29 -0.49 -7.43 0.07
C SER A 29 -1.13 -8.80 0.21
N GLN A 30 -1.93 -8.93 1.27
CA GLN A 30 -2.61 -10.16 1.62
C GLN A 30 -3.43 -10.73 0.46
N ARG A 31 -2.85 -11.67 -0.24
CA ARG A 31 -3.50 -12.32 -1.32
C ARG A 31 -4.35 -13.48 -0.80
N HIS A 32 -5.65 -13.42 -1.07
CA HIS A 32 -6.61 -14.41 -0.58
C HIS A 32 -6.69 -14.36 0.92
N LEU A 33 -7.22 -15.40 1.51
CA LEU A 33 -7.33 -15.49 2.94
C LEU A 33 -6.01 -15.91 3.54
N GLY A 34 -5.33 -14.97 4.19
CA GLY A 34 -4.05 -15.26 4.80
C GLY A 34 -3.00 -14.26 4.39
N GLY A 35 -2.21 -14.61 3.37
CA GLY A 35 -1.15 -13.74 2.91
C GLY A 35 -0.09 -13.56 3.97
N SER A 36 0.57 -14.65 4.33
CA SER A 36 1.52 -14.63 5.37
C SER A 36 2.86 -15.18 4.88
N GLN A 37 3.84 -15.21 5.75
CA GLN A 37 5.14 -15.69 5.41
C GLN A 37 5.38 -17.06 6.00
N GLN A 38 4.29 -17.75 6.31
CA GLN A 38 4.34 -19.11 6.81
C GLN A 38 5.22 -19.94 5.92
N LEU A 39 4.70 -20.17 4.76
CA LEU A 39 5.44 -20.78 3.68
C LEU A 39 5.67 -22.23 3.92
N LEU A 40 4.59 -22.95 3.81
CA LEU A 40 4.56 -24.38 3.94
C LEU A 40 5.62 -25.04 3.04
N THR A 1 -9.41 6.20 4.07
CA THR A 1 -10.61 7.05 4.22
C THR A 1 -10.33 8.23 5.16
N TYR A 2 -9.53 7.99 6.18
CA TYR A 2 -9.19 9.00 7.18
C TYR A 2 -7.67 9.11 7.30
N HIS A 3 -7.15 10.27 7.70
CA HIS A 3 -5.70 10.38 7.89
C HIS A 3 -5.33 9.60 9.14
N VAL A 4 -4.74 8.43 8.98
CA VAL A 4 -4.53 7.58 10.15
C VAL A 4 -3.21 7.87 10.87
N ASP A 5 -3.34 8.57 11.98
CA ASP A 5 -2.25 8.75 12.90
C ASP A 5 -2.84 8.77 14.29
N ALA A 6 -3.48 7.66 14.65
CA ALA A 6 -4.14 7.56 15.95
C ALA A 6 -3.30 6.74 16.93
N ASN A 7 -2.91 5.53 16.55
CA ASN A 7 -2.12 4.68 17.47
C ASN A 7 -0.66 4.69 17.03
N ASP A 8 -0.37 5.48 16.02
CA ASP A 8 0.94 5.56 15.43
C ASP A 8 1.36 7.01 15.29
N HIS A 9 1.05 7.82 16.29
CA HIS A 9 1.33 9.25 16.22
C HIS A 9 2.43 9.63 17.19
N ASP A 10 3.03 8.65 17.83
CA ASP A 10 4.05 8.93 18.84
C ASP A 10 5.43 8.59 18.34
N GLN A 11 5.50 7.66 17.41
CA GLN A 11 6.81 7.24 16.89
C GLN A 11 7.15 8.01 15.61
N SER A 12 6.14 8.30 14.83
CA SER A 12 6.29 9.01 13.58
C SER A 12 4.98 9.72 13.27
N ARG A 13 5.05 10.83 12.58
CA ARG A 13 3.85 11.55 12.19
C ARG A 13 3.92 11.98 10.74
N LYS A 14 3.26 11.23 9.89
CA LYS A 14 3.24 11.49 8.48
C LYS A 14 1.90 11.08 7.91
N SER A 15 1.28 11.94 7.10
CA SER A 15 -0.02 11.66 6.49
C SER A 15 -0.02 10.25 5.90
N GLN A 16 -1.00 9.41 6.35
CA GLN A 16 -1.09 7.95 6.02
C GLN A 16 0.19 7.45 5.38
N GLN A 17 1.28 7.41 6.20
CA GLN A 17 2.67 7.07 5.75
C GLN A 17 2.76 6.79 4.25
N TYR A 18 2.88 7.89 3.47
CA TYR A 18 2.91 7.85 1.99
C TYR A 18 3.64 6.64 1.42
N ASP A 19 3.04 6.05 0.39
CA ASP A 19 3.63 4.90 -0.30
C ASP A 19 4.90 5.35 -0.98
N LEU A 20 5.78 4.37 -1.27
CA LEU A 20 7.11 4.63 -1.86
C LEU A 20 8.05 5.27 -0.82
N ASN A 21 7.59 6.33 -0.18
CA ASN A 21 8.36 7.02 0.84
C ASN A 21 8.45 6.16 2.09
N ALA A 22 7.33 5.60 2.48
CA ALA A 22 7.25 4.78 3.65
C ALA A 22 6.82 3.37 3.29
N LEU A 23 6.02 3.29 2.22
CA LEU A 23 5.49 2.03 1.71
C LEU A 23 4.52 1.43 2.68
N HIS A 24 3.59 2.25 3.10
CA HIS A 24 2.60 1.88 4.04
C HIS A 24 1.27 1.84 3.33
N LYS A 25 1.19 1.00 2.33
CA LYS A 25 0.04 0.91 1.51
C LYS A 25 -0.10 -0.53 1.13
N THR A 26 0.43 -1.36 1.98
CA THR A 26 0.55 -2.74 1.71
C THR A 26 -0.04 -3.56 2.86
N THR A 27 -0.32 -2.88 3.97
CA THR A 27 -0.90 -3.46 5.19
C THR A 27 -0.26 -4.80 5.57
N LYS A 28 1.09 -4.91 5.35
CA LYS A 28 1.89 -6.11 5.71
C LYS A 28 1.56 -7.30 4.79
N SER A 29 0.41 -7.22 4.15
CA SER A 29 -0.14 -8.27 3.27
C SER A 29 -0.76 -9.35 4.13
N GLN A 30 -1.41 -8.88 5.19
CA GLN A 30 -2.06 -9.71 6.17
C GLN A 30 -3.09 -10.63 5.55
N ARG A 31 -2.73 -11.89 5.41
CA ARG A 31 -3.66 -12.88 4.98
C ARG A 31 -4.54 -13.25 6.16
N HIS A 32 -5.77 -13.74 5.89
CA HIS A 32 -6.73 -14.04 6.96
C HIS A 32 -7.16 -12.75 7.64
N LEU A 33 -7.60 -12.87 8.86
CA LEU A 33 -8.01 -11.71 9.63
C LEU A 33 -6.80 -10.92 10.11
N GLY A 34 -6.52 -9.81 9.42
CA GLY A 34 -5.40 -8.99 9.79
C GLY A 34 -5.81 -7.84 10.67
N GLY A 35 -5.76 -6.63 10.14
CA GLY A 35 -6.17 -5.48 10.90
C GLY A 35 -5.09 -4.43 10.98
N SER A 36 -5.41 -3.25 10.46
CA SER A 36 -4.53 -2.13 10.50
C SER A 36 -5.37 -0.86 10.40
N GLN A 37 -4.72 0.25 10.20
CA GLN A 37 -5.40 1.50 10.10
C GLN A 37 -5.67 1.88 8.66
N GLN A 38 -4.94 1.26 7.74
CA GLN A 38 -5.15 1.48 6.33
C GLN A 38 -6.58 1.24 5.99
N LEU A 39 -6.98 0.05 6.30
CA LEU A 39 -8.34 -0.42 6.15
C LEU A 39 -8.72 -0.51 4.71
N LEU A 40 -7.82 -1.06 3.96
CA LEU A 40 -7.99 -1.27 2.57
C LEU A 40 -8.49 -2.68 2.30
N THR A 1 -13.49 1.36 -6.22
CA THR A 1 -12.45 0.98 -7.17
C THR A 1 -11.06 1.33 -6.62
N TYR A 2 -10.24 0.31 -6.31
CA TYR A 2 -8.86 0.58 -5.86
C TYR A 2 -8.01 0.90 -7.07
N HIS A 3 -7.36 2.04 -7.07
CA HIS A 3 -6.57 2.44 -8.20
C HIS A 3 -5.10 2.61 -7.82
N VAL A 4 -4.20 2.24 -8.72
CA VAL A 4 -2.75 2.32 -8.49
C VAL A 4 -2.07 2.67 -9.82
N ASP A 5 -1.40 3.82 -9.85
CA ASP A 5 -0.73 4.28 -11.06
C ASP A 5 0.54 3.49 -11.31
N ALA A 6 0.38 2.32 -11.90
CA ALA A 6 1.53 1.45 -12.21
C ALA A 6 2.07 1.78 -13.60
N ASN A 7 1.27 2.53 -14.36
CA ASN A 7 1.71 2.98 -15.69
C ASN A 7 2.87 3.95 -15.53
N ASP A 8 2.85 4.64 -14.40
CA ASP A 8 3.91 5.58 -14.09
C ASP A 8 5.10 4.87 -13.50
N HIS A 9 5.90 4.24 -14.36
CA HIS A 9 7.11 3.57 -13.93
C HIS A 9 8.27 3.94 -14.83
N ASP A 10 8.00 4.78 -15.81
CA ASP A 10 9.00 5.18 -16.79
C ASP A 10 9.14 6.70 -16.88
N GLN A 11 8.01 7.40 -16.93
CA GLN A 11 8.03 8.87 -17.00
C GLN A 11 7.90 9.47 -15.62
N SER A 12 7.46 8.64 -14.70
CA SER A 12 7.26 9.02 -13.32
C SER A 12 7.37 7.74 -12.50
N ARG A 13 7.53 7.84 -11.19
CA ARG A 13 7.58 6.66 -10.33
C ARG A 13 6.76 6.88 -9.08
N LYS A 14 5.46 6.63 -9.16
CA LYS A 14 4.59 6.84 -8.03
C LYS A 14 3.28 6.03 -8.14
N SER A 15 3.33 4.78 -7.68
CA SER A 15 2.11 3.94 -7.65
C SER A 15 1.08 4.63 -6.79
N GLN A 16 -0.24 4.36 -7.06
CA GLN A 16 -1.38 5.17 -6.48
C GLN A 16 -0.87 6.51 -5.93
N GLN A 17 -0.34 7.32 -6.88
CA GLN A 17 0.29 8.67 -6.65
C GLN A 17 0.37 9.10 -5.18
N TYR A 18 1.18 8.37 -4.37
CA TYR A 18 1.39 8.71 -2.96
C TYR A 18 2.22 7.63 -2.25
N ASP A 19 2.91 8.03 -1.19
CA ASP A 19 3.69 7.13 -0.32
C ASP A 19 4.83 6.40 -1.08
N LEU A 20 5.05 5.10 -0.76
CA LEU A 20 6.09 4.26 -1.36
C LEU A 20 7.44 4.43 -0.66
N ASN A 21 7.66 5.59 -0.05
CA ASN A 21 8.87 5.81 0.70
C ASN A 21 8.78 5.09 2.04
N ALA A 22 7.59 5.15 2.62
CA ALA A 22 7.32 4.50 3.87
C ALA A 22 6.74 3.15 3.61
N LEU A 23 6.10 3.05 2.46
CA LEU A 23 5.48 1.85 1.97
C LEU A 23 4.29 1.48 2.82
N HIS A 24 3.44 2.45 3.02
CA HIS A 24 2.26 2.28 3.80
C HIS A 24 1.13 1.97 2.85
N LYS A 25 1.34 0.93 2.08
CA LYS A 25 0.44 0.56 1.08
C LYS A 25 0.63 -0.90 0.85
N THR A 26 0.98 -1.57 1.92
CA THR A 26 1.37 -2.93 1.82
C THR A 26 0.85 -3.76 3.01
N THR A 27 0.32 -3.07 4.03
CA THR A 27 -0.19 -3.69 5.26
C THR A 27 0.73 -4.81 5.78
N LYS A 28 2.02 -4.46 6.02
CA LYS A 28 3.05 -5.41 6.51
C LYS A 28 3.45 -6.44 5.45
N SER A 29 2.57 -6.61 4.47
CA SER A 29 2.73 -7.54 3.35
C SER A 29 2.37 -8.95 3.79
N GLN A 30 1.52 -9.03 4.80
CA GLN A 30 1.09 -10.28 5.35
C GLN A 30 0.05 -10.97 4.48
N ARG A 31 0.51 -11.66 3.46
CA ARG A 31 -0.38 -12.44 2.65
C ARG A 31 -0.71 -13.73 3.39
N HIS A 32 -1.82 -13.71 4.13
CA HIS A 32 -2.21 -14.80 5.04
C HIS A 32 -1.35 -14.76 6.27
N LEU A 33 -0.18 -15.20 6.10
CA LEU A 33 0.83 -15.18 7.15
C LEU A 33 1.93 -14.19 6.78
N GLY A 34 2.62 -13.68 7.79
CA GLY A 34 3.67 -12.72 7.56
C GLY A 34 4.95 -13.38 7.12
N GLY A 35 5.23 -14.54 7.70
CA GLY A 35 6.42 -15.27 7.36
C GLY A 35 6.36 -15.85 5.96
N SER A 36 7.52 -15.98 5.34
CA SER A 36 7.61 -16.50 4.02
C SER A 36 8.99 -17.11 3.84
N GLN A 37 9.44 -17.23 2.60
CA GLN A 37 10.73 -17.79 2.32
C GLN A 37 11.82 -16.75 2.48
N GLN A 38 11.42 -15.56 2.93
CA GLN A 38 12.35 -14.50 3.25
C GLN A 38 13.39 -15.01 4.17
N LEU A 39 12.90 -15.51 5.25
CA LEU A 39 13.69 -16.18 6.26
C LEU A 39 14.44 -15.20 7.09
N LEU A 40 13.67 -14.48 7.86
CA LEU A 40 14.18 -13.50 8.76
C LEU A 40 15.08 -14.17 9.80
N THR A 1 -6.67 2.25 -7.29
CA THR A 1 -5.55 1.94 -6.38
C THR A 1 -4.44 1.21 -7.13
N TYR A 2 -4.52 1.18 -8.45
CA TYR A 2 -3.50 0.50 -9.25
C TYR A 2 -2.54 1.50 -9.86
N HIS A 3 -1.27 1.15 -9.94
CA HIS A 3 -0.28 2.05 -10.51
C HIS A 3 0.07 1.58 -11.91
N VAL A 4 0.25 2.51 -12.84
CA VAL A 4 0.50 2.13 -14.25
C VAL A 4 1.39 3.19 -14.94
N ASP A 5 2.50 2.74 -15.54
CA ASP A 5 3.44 3.64 -16.23
C ASP A 5 3.71 3.19 -17.65
N ALA A 6 2.91 3.63 -18.61
CA ALA A 6 3.14 3.25 -20.01
C ALA A 6 3.76 4.40 -20.80
N ASN A 7 3.12 5.58 -20.77
CA ASN A 7 3.61 6.77 -21.46
C ASN A 7 4.15 7.78 -20.46
N ASP A 8 4.33 7.35 -19.26
CA ASP A 8 4.64 8.23 -18.13
C ASP A 8 6.13 8.53 -17.98
N HIS A 9 6.86 8.53 -19.09
CA HIS A 9 8.29 8.83 -19.02
C HIS A 9 8.50 10.33 -19.14
N ASP A 10 7.61 10.99 -19.89
CA ASP A 10 7.73 12.44 -20.13
C ASP A 10 6.88 13.23 -19.16
N GLN A 11 5.76 12.66 -18.74
CA GLN A 11 4.90 13.30 -17.77
C GLN A 11 5.20 12.79 -16.36
N SER A 12 6.33 12.05 -16.26
CA SER A 12 6.83 11.39 -15.03
C SER A 12 5.76 11.17 -13.95
N ARG A 13 5.27 9.93 -13.86
CA ARG A 13 4.25 9.59 -12.87
C ARG A 13 4.79 8.53 -11.94
N LYS A 14 4.09 8.31 -10.85
CA LYS A 14 4.48 7.32 -9.87
C LYS A 14 3.22 6.69 -9.29
N SER A 15 3.38 5.60 -8.54
CA SER A 15 2.26 4.94 -7.90
C SER A 15 1.43 5.97 -7.15
N GLN A 16 0.16 6.20 -7.62
CA GLN A 16 -0.73 7.29 -7.15
C GLN A 16 0.03 8.31 -6.31
N GLN A 17 0.95 9.04 -7.02
CA GLN A 17 1.91 10.04 -6.44
C GLN A 17 1.81 10.23 -4.92
N TYR A 18 2.23 9.19 -4.20
CA TYR A 18 2.22 9.17 -2.72
C TYR A 18 2.60 7.77 -2.25
N ASP A 19 3.03 7.68 -0.99
CA ASP A 19 3.45 6.42 -0.36
C ASP A 19 4.70 5.87 -1.05
N LEU A 20 4.95 4.55 -0.93
CA LEU A 20 6.13 3.89 -1.54
C LEU A 20 7.41 4.24 -0.76
N ASN A 21 7.55 5.49 -0.38
CA ASN A 21 8.67 5.91 0.41
C ASN A 21 8.51 5.39 1.82
N ALA A 22 7.26 5.36 2.26
CA ALA A 22 6.93 4.89 3.58
C ALA A 22 6.46 3.46 3.49
N LEU A 23 5.75 3.15 2.40
CA LEU A 23 5.22 1.84 2.15
C LEU A 23 4.18 1.49 3.17
N HIS A 24 3.19 2.32 3.25
CA HIS A 24 2.16 2.18 4.21
C HIS A 24 0.92 1.65 3.53
N LYS A 25 1.13 0.96 2.43
CA LYS A 25 0.05 0.45 1.66
C LYS A 25 0.50 -0.84 1.07
N THR A 26 1.44 -1.44 1.73
CA THR A 26 2.10 -2.59 1.24
C THR A 26 2.07 -3.71 2.29
N THR A 27 1.80 -3.32 3.54
CA THR A 27 1.73 -4.21 4.70
C THR A 27 2.87 -5.26 4.71
N LYS A 28 4.13 -4.75 4.59
CA LYS A 28 5.34 -5.60 4.60
C LYS A 28 5.48 -6.46 3.36
N SER A 29 4.33 -6.81 2.76
CA SER A 29 4.24 -7.62 1.54
C SER A 29 4.19 -9.11 1.91
N GLN A 30 3.84 -9.38 3.17
CA GLN A 30 3.73 -10.73 3.66
C GLN A 30 2.63 -11.49 2.95
N ARG A 31 3.01 -12.38 2.06
CA ARG A 31 2.06 -13.19 1.33
C ARG A 31 1.66 -14.44 2.14
N HIS A 32 1.12 -14.21 3.34
CA HIS A 32 0.68 -15.30 4.24
C HIS A 32 1.82 -16.25 4.56
N LEU A 33 1.46 -17.41 5.03
CA LEU A 33 2.44 -18.44 5.37
C LEU A 33 2.07 -19.76 4.68
N GLY A 34 3.06 -20.38 4.08
CA GLY A 34 2.85 -21.61 3.38
C GLY A 34 3.50 -21.58 2.02
N GLY A 35 3.13 -20.59 1.24
CA GLY A 35 3.72 -20.41 -0.07
C GLY A 35 4.91 -19.50 -0.01
N SER A 36 5.12 -18.74 -1.07
CA SER A 36 6.19 -17.81 -1.12
C SER A 36 5.82 -16.65 -2.01
N GLN A 37 6.76 -15.78 -2.23
CA GLN A 37 6.58 -14.64 -3.04
C GLN A 37 7.48 -14.72 -4.25
N GLN A 38 8.10 -15.88 -4.43
CA GLN A 38 8.91 -16.16 -5.57
C GLN A 38 8.12 -15.88 -6.80
N LEU A 39 7.15 -16.71 -6.98
CA LEU A 39 6.15 -16.56 -8.02
C LEU A 39 6.72 -16.83 -9.38
N LEU A 40 7.12 -18.06 -9.54
CA LEU A 40 7.67 -18.55 -10.77
C LEU A 40 6.66 -18.34 -11.91
N THR A 1 -3.30 6.01 10.65
CA THR A 1 -4.30 4.98 11.01
C THR A 1 -5.63 5.22 10.30
N TYR A 2 -5.87 6.46 9.87
CA TYR A 2 -7.15 6.80 9.20
C TYR A 2 -7.02 6.57 7.71
N HIS A 3 -8.11 6.14 7.08
CA HIS A 3 -8.12 5.88 5.64
C HIS A 3 -9.28 6.62 4.97
N VAL A 4 -9.00 7.57 4.09
CA VAL A 4 -10.11 8.19 3.37
C VAL A 4 -10.26 7.53 1.99
N ASP A 5 -11.14 6.54 1.93
CA ASP A 5 -11.45 5.84 0.71
C ASP A 5 -12.90 5.35 0.75
N ALA A 6 -13.85 6.27 0.60
CA ALA A 6 -15.26 5.89 0.69
C ALA A 6 -15.91 5.70 -0.69
N ASN A 7 -15.64 6.60 -1.63
CA ASN A 7 -16.26 6.47 -2.97
C ASN A 7 -15.57 5.36 -3.73
N ASP A 8 -14.26 5.37 -3.69
CA ASP A 8 -13.47 4.32 -4.28
C ASP A 8 -12.82 3.54 -3.14
N HIS A 9 -13.22 2.27 -2.98
CA HIS A 9 -12.71 1.50 -1.87
C HIS A 9 -12.42 0.06 -2.25
N ASP A 10 -12.71 -0.29 -3.48
CA ASP A 10 -12.52 -1.66 -3.94
C ASP A 10 -11.64 -1.73 -5.18
N GLN A 11 -11.84 -0.83 -6.12
CA GLN A 11 -11.03 -0.83 -7.34
C GLN A 11 -9.90 0.18 -7.22
N SER A 12 -9.97 0.98 -6.19
CA SER A 12 -8.97 1.99 -5.92
C SER A 12 -8.92 2.31 -4.43
N ARG A 13 -7.71 2.42 -3.89
CA ARG A 13 -7.53 2.81 -2.49
C ARG A 13 -6.23 3.58 -2.35
N LYS A 14 -6.30 4.78 -1.81
CA LYS A 14 -5.11 5.59 -1.64
C LYS A 14 -5.17 6.40 -0.35
N SER A 15 -5.40 5.68 0.77
CA SER A 15 -5.45 6.29 2.10
C SER A 15 -4.30 7.30 2.25
N GLN A 16 -4.68 8.61 2.45
CA GLN A 16 -3.77 9.79 2.44
C GLN A 16 -2.37 9.43 1.93
N GLN A 17 -2.31 9.14 0.61
CA GLN A 17 -1.09 8.65 -0.11
C GLN A 17 0.13 8.43 0.79
N TYR A 18 0.15 7.29 1.49
CA TYR A 18 1.29 6.91 2.30
C TYR A 18 1.93 5.63 1.77
N ASP A 19 2.85 5.76 0.83
CA ASP A 19 3.54 4.60 0.28
C ASP A 19 4.80 5.04 -0.46
N LEU A 20 5.42 4.13 -1.21
CA LEU A 20 6.64 4.40 -1.99
C LEU A 20 7.83 4.65 -1.06
N ASN A 21 7.81 5.78 -0.39
CA ASN A 21 8.84 6.13 0.53
C ASN A 21 8.51 5.60 1.91
N ALA A 22 7.24 5.61 2.24
CA ALA A 22 6.78 5.17 3.52
C ALA A 22 6.40 3.72 3.44
N LEU A 23 5.74 3.38 2.34
CA LEU A 23 5.28 2.03 2.06
C LEU A 23 4.28 1.61 3.11
N HIS A 24 3.29 2.44 3.30
CA HIS A 24 2.30 2.25 4.29
C HIS A 24 0.99 1.86 3.64
N LYS A 25 1.08 1.34 2.43
CA LYS A 25 -0.05 0.99 1.65
C LYS A 25 0.29 -0.25 0.91
N THR A 26 1.07 -1.06 1.56
CA THR A 26 1.67 -2.18 0.95
C THR A 26 1.19 -3.46 1.62
N THR A 27 0.25 -3.27 2.55
CA THR A 27 -0.38 -4.31 3.34
C THR A 27 0.62 -5.33 3.91
N LYS A 28 1.83 -4.83 4.27
CA LYS A 28 2.90 -5.65 4.88
C LYS A 28 3.52 -6.64 3.90
N SER A 29 2.76 -6.95 2.86
CA SER A 29 3.15 -7.86 1.79
C SER A 29 2.96 -9.31 2.23
N GLN A 30 2.07 -9.49 3.21
CA GLN A 30 1.75 -10.80 3.70
C GLN A 30 0.88 -11.55 2.70
N ARG A 31 1.51 -12.38 1.89
CA ARG A 31 0.82 -13.15 0.90
C ARG A 31 -0.13 -14.16 1.53
N HIS A 32 -1.26 -14.41 0.87
CA HIS A 32 -2.30 -15.33 1.37
C HIS A 32 -3.02 -14.71 2.55
N LEU A 33 -3.64 -15.55 3.34
CA LEU A 33 -4.38 -15.12 4.52
C LEU A 33 -3.49 -14.33 5.49
N GLY A 34 -3.70 -13.02 5.49
CA GLY A 34 -2.95 -12.14 6.36
C GLY A 34 -3.33 -10.71 6.12
N GLY A 35 -3.00 -9.84 7.06
CA GLY A 35 -3.35 -8.46 6.93
C GLY A 35 -2.17 -7.54 7.16
N SER A 36 -2.43 -6.39 7.75
CA SER A 36 -1.42 -5.43 8.01
C SER A 36 -1.90 -4.50 9.11
N GLN A 37 -1.24 -3.37 9.24
CA GLN A 37 -1.59 -2.41 10.23
C GLN A 37 -2.63 -1.44 9.69
N GLN A 38 -3.12 -1.73 8.48
CA GLN A 38 -4.19 -0.97 7.89
C GLN A 38 -5.33 -0.91 8.82
N LEU A 39 -5.74 -2.08 9.17
CA LEU A 39 -6.77 -2.33 10.15
C LEU A 39 -8.12 -2.07 9.59
N LEU A 40 -8.45 -2.91 8.63
CA LEU A 40 -9.73 -2.87 7.97
C LEU A 40 -10.88 -2.92 8.96
N THR A 1 4.74 -1.54 -4.61
CA THR A 1 3.80 -0.63 -3.93
C THR A 1 2.63 -0.30 -4.86
N TYR A 2 1.54 0.22 -4.30
CA TYR A 2 0.39 0.61 -5.13
C TYR A 2 -0.02 2.04 -4.80
N HIS A 3 -0.01 2.91 -5.81
CA HIS A 3 -0.46 4.27 -5.62
C HIS A 3 -1.42 4.72 -6.71
N VAL A 4 -2.32 5.62 -6.37
CA VAL A 4 -3.27 6.19 -7.34
C VAL A 4 -3.48 7.68 -7.00
N ASP A 5 -2.92 8.55 -7.83
CA ASP A 5 -2.94 9.97 -7.53
C ASP A 5 -3.68 10.75 -8.62
N ALA A 6 -4.95 11.00 -8.39
CA ALA A 6 -5.75 11.75 -9.36
C ALA A 6 -5.87 13.21 -8.93
N ASN A 7 -5.70 13.45 -7.64
CA ASN A 7 -5.83 14.81 -7.09
C ASN A 7 -4.67 15.68 -7.56
N ASP A 8 -3.48 15.13 -7.52
CA ASP A 8 -2.29 15.85 -7.95
C ASP A 8 -1.47 14.98 -8.90
N HIS A 9 -1.48 15.29 -10.20
CA HIS A 9 -0.69 14.52 -11.16
C HIS A 9 -0.30 15.36 -12.37
N ASP A 10 -0.55 16.66 -12.31
CA ASP A 10 -0.21 17.54 -13.44
C ASP A 10 0.88 18.54 -13.09
N GLN A 11 0.90 19.02 -11.84
CA GLN A 11 1.90 20.01 -11.43
C GLN A 11 2.84 19.42 -10.39
N SER A 12 2.34 18.45 -9.64
CA SER A 12 3.08 17.83 -8.56
C SER A 12 2.47 16.46 -8.32
N ARG A 13 3.25 15.51 -7.87
CA ARG A 13 2.72 14.21 -7.58
C ARG A 13 3.37 13.64 -6.32
N LYS A 14 2.55 13.15 -5.42
CA LYS A 14 3.02 12.58 -4.17
C LYS A 14 2.12 11.44 -3.75
N SER A 15 2.52 10.21 -4.16
CA SER A 15 1.76 8.96 -3.92
C SER A 15 1.01 8.98 -2.58
N GLN A 16 -0.28 9.49 -2.62
CA GLN A 16 -1.14 9.77 -1.42
C GLN A 16 -0.38 9.58 -0.13
N GLN A 17 0.60 10.50 0.10
CA GLN A 17 1.58 10.48 1.24
C GLN A 17 1.41 9.30 2.19
N TYR A 18 1.77 8.11 1.70
CA TYR A 18 1.71 6.88 2.47
C TYR A 18 2.67 5.84 1.93
N ASP A 19 2.60 5.58 0.64
CA ASP A 19 3.45 4.57 0.04
C ASP A 19 4.70 5.20 -0.56
N LEU A 20 5.44 4.40 -1.33
CA LEU A 20 6.66 4.85 -2.00
C LEU A 20 7.82 4.99 -1.02
N ASN A 21 7.77 6.02 -0.20
CA ASN A 21 8.82 6.28 0.76
C ASN A 21 8.59 5.50 2.04
N ALA A 22 7.37 5.49 2.50
CA ALA A 22 7.02 4.81 3.71
C ALA A 22 6.51 3.44 3.40
N LEU A 23 5.85 3.34 2.25
CA LEU A 23 5.30 2.10 1.76
C LEU A 23 4.21 1.61 2.69
N HIS A 24 3.41 2.55 3.12
CA HIS A 24 2.37 2.30 4.06
C HIS A 24 1.08 2.05 3.30
N LYS A 25 1.18 1.24 2.28
CA LYS A 25 0.09 0.97 1.45
C LYS A 25 0.20 -0.45 1.03
N THR A 26 0.96 -1.17 1.83
CA THR A 26 1.32 -2.49 1.54
C THR A 26 1.13 -3.39 2.77
N THR A 27 1.10 -2.74 3.96
CA THR A 27 0.95 -3.42 5.25
C THR A 27 1.80 -4.70 5.37
N LYS A 28 3.11 -4.56 5.01
CA LYS A 28 4.08 -5.68 5.06
C LYS A 28 3.83 -6.72 3.96
N SER A 29 2.60 -6.74 3.47
CA SER A 29 2.14 -7.66 2.42
C SER A 29 1.85 -9.02 3.05
N GLN A 30 1.32 -8.97 4.27
CA GLN A 30 0.99 -10.15 5.00
C GLN A 30 -0.12 -10.94 4.34
N ARG A 31 0.25 -12.05 3.71
CA ARG A 31 -0.69 -12.95 3.11
C ARG A 31 -1.60 -13.56 4.19
N HIS A 32 -2.75 -14.10 3.77
CA HIS A 32 -3.75 -14.66 4.71
C HIS A 32 -4.37 -13.54 5.51
N LEU A 33 -5.02 -13.89 6.58
CA LEU A 33 -5.65 -12.90 7.44
C LEU A 33 -4.62 -12.23 8.33
N GLY A 34 -4.74 -10.93 8.49
CA GLY A 34 -3.81 -10.20 9.31
C GLY A 34 -3.61 -8.78 8.82
N GLY A 35 -2.74 -8.04 9.48
CA GLY A 35 -2.48 -6.67 9.11
C GLY A 35 -3.52 -5.73 9.69
N SER A 36 -4.71 -5.78 9.12
CA SER A 36 -5.79 -4.95 9.55
C SER A 36 -7.11 -5.59 9.13
N GLN A 37 -8.17 -4.82 9.17
CA GLN A 37 -9.47 -5.31 8.79
C GLN A 37 -9.77 -5.01 7.34
N GLN A 38 -8.72 -4.76 6.59
CA GLN A 38 -8.81 -4.58 5.17
C GLN A 38 -9.47 -5.76 4.56
N LEU A 39 -8.82 -6.86 4.72
CA LEU A 39 -9.31 -8.17 4.33
C LEU A 39 -9.32 -8.30 2.84
N LEU A 40 -8.12 -8.26 2.29
CA LEU A 40 -7.90 -8.41 0.89
C LEU A 40 -8.43 -9.76 0.39
N THR A 1 -9.26 3.08 -4.59
CA THR A 1 -8.29 4.15 -4.78
C THR A 1 -8.38 4.71 -6.20
N TYR A 2 -8.97 5.89 -6.37
CA TYR A 2 -9.09 6.50 -7.71
C TYR A 2 -7.95 7.49 -7.91
N HIS A 3 -7.31 7.42 -9.06
CA HIS A 3 -6.19 8.30 -9.34
C HIS A 3 -6.40 9.04 -10.67
N VAL A 4 -5.78 10.20 -10.80
CA VAL A 4 -5.90 10.99 -12.02
C VAL A 4 -4.50 11.43 -12.48
N ASP A 5 -3.96 10.74 -13.49
CA ASP A 5 -2.60 10.98 -13.95
C ASP A 5 -2.53 10.90 -15.47
N ALA A 6 -3.18 11.81 -16.14
CA ALA A 6 -3.23 11.80 -17.61
C ALA A 6 -2.31 12.83 -18.24
N ASN A 7 -2.00 13.90 -17.51
CA ASN A 7 -1.22 15.01 -18.10
C ASN A 7 0.27 14.69 -18.21
N ASP A 8 0.89 14.37 -17.10
CA ASP A 8 2.34 14.07 -17.10
C ASP A 8 2.64 12.81 -16.30
N HIS A 9 2.36 11.65 -16.87
CA HIS A 9 2.60 10.36 -16.20
C HIS A 9 2.82 9.25 -17.22
N ASP A 10 3.00 9.63 -18.47
CA ASP A 10 3.20 8.64 -19.56
C ASP A 10 4.55 7.96 -19.44
N GLN A 11 5.34 8.37 -18.47
CA GLN A 11 6.66 7.78 -18.25
C GLN A 11 6.70 6.97 -16.95
N SER A 12 5.85 7.34 -16.01
CA SER A 12 5.81 6.68 -14.73
C SER A 12 4.39 6.55 -14.23
N ARG A 13 4.05 5.41 -13.66
CA ARG A 13 2.69 5.21 -13.17
C ARG A 13 2.66 5.19 -11.66
N LYS A 14 2.60 6.37 -11.08
CA LYS A 14 2.53 6.50 -9.68
C LYS A 14 1.57 7.64 -9.34
N SER A 15 0.34 7.26 -8.96
CA SER A 15 -0.71 8.22 -8.58
C SER A 15 -0.14 9.28 -7.66
N GLN A 16 -0.20 10.59 -8.10
CA GLN A 16 0.45 11.73 -7.40
C GLN A 16 1.42 11.27 -6.30
N GLN A 17 2.54 10.66 -6.75
CA GLN A 17 3.56 9.99 -5.88
C GLN A 17 3.19 9.94 -4.39
N TYR A 18 2.30 9.02 -4.06
CA TYR A 18 1.90 8.78 -2.69
C TYR A 18 2.52 7.50 -2.18
N ASP A 19 2.93 7.52 -0.92
CA ASP A 19 3.52 6.35 -0.27
C ASP A 19 4.84 5.95 -0.97
N LEU A 20 5.17 4.64 -0.98
CA LEU A 20 6.40 4.12 -1.60
C LEU A 20 7.62 4.46 -0.75
N ASN A 21 7.69 5.70 -0.33
CA ASN A 21 8.72 6.16 0.55
C ASN A 21 8.48 5.60 1.95
N ALA A 22 7.22 5.48 2.30
CA ALA A 22 6.81 4.98 3.59
C ALA A 22 6.49 3.52 3.50
N LEU A 23 5.92 3.13 2.35
CA LEU A 23 5.53 1.78 2.07
C LEU A 23 4.47 1.31 3.04
N HIS A 24 3.52 2.17 3.24
CA HIS A 24 2.45 1.94 4.15
C HIS A 24 1.20 1.72 3.34
N LYS A 25 1.34 1.03 2.23
CA LYS A 25 0.28 0.80 1.32
C LYS A 25 0.37 -0.62 0.91
N THR A 26 0.93 -1.39 1.80
CA THR A 26 1.28 -2.73 1.52
C THR A 26 0.70 -3.68 2.57
N THR A 27 0.26 -3.10 3.68
CA THR A 27 -0.31 -3.83 4.83
C THR A 27 0.45 -5.13 5.15
N LYS A 28 1.77 -5.00 5.43
CA LYS A 28 2.64 -6.15 5.76
C LYS A 28 2.89 -7.05 4.54
N SER A 29 2.06 -6.84 3.53
CA SER A 29 2.08 -7.56 2.26
C SER A 29 1.34 -8.88 2.40
N GLN A 30 0.31 -8.86 3.23
CA GLN A 30 -0.50 -10.00 3.47
C GLN A 30 -1.55 -10.20 2.39
N ARG A 31 -1.19 -10.93 1.35
CA ARG A 31 -2.11 -11.26 0.31
C ARG A 31 -3.02 -12.37 0.79
N HIS A 32 -4.17 -12.00 1.35
CA HIS A 32 -5.11 -12.96 1.94
C HIS A 32 -4.41 -13.70 3.06
N LEU A 33 -4.90 -14.87 3.37
CA LEU A 33 -4.25 -15.70 4.37
C LEU A 33 -3.70 -16.96 3.74
N GLY A 34 -2.56 -16.82 3.07
CA GLY A 34 -1.94 -17.95 2.43
C GLY A 34 -1.00 -18.67 3.36
N GLY A 35 -0.73 -19.93 3.06
CA GLY A 35 0.13 -20.73 3.91
C GLY A 35 1.61 -20.35 3.82
N SER A 36 1.93 -19.42 2.94
CA SER A 36 3.26 -18.97 2.75
C SER A 36 3.47 -17.63 3.40
N GLN A 37 2.44 -16.83 3.34
CA GLN A 37 2.47 -15.51 3.90
C GLN A 37 1.83 -15.46 5.27
N GLN A 38 1.73 -16.63 5.90
CA GLN A 38 1.26 -16.74 7.26
C GLN A 38 2.07 -15.83 8.13
N LEU A 39 3.33 -16.06 8.05
CA LEU A 39 4.36 -15.25 8.68
C LEU A 39 4.45 -15.53 10.15
N LEU A 40 4.82 -16.74 10.43
CA LEU A 40 5.02 -17.19 11.76
C LEU A 40 6.33 -16.64 12.32
#